data_9BOJ
#
_entry.id   9BOJ
#
_cell.length_a   1.00
_cell.length_b   1.00
_cell.length_c   1.00
_cell.angle_alpha   90.00
_cell.angle_beta   90.00
_cell.angle_gamma   90.00
#
_symmetry.space_group_name_H-M   'P 1'
#
_entity_poly.entity_id   1
_entity_poly.type   'polypeptide(L)'
_entity_poly.pdbx_seq_one_letter_code
;MAAKSDGRLKMKKSSDVAFTPLQNSDHSGSVQGLAPGLPSGSGAEDEEAAGGGCCPDGGGCSRCCCCCAGSGGSAGSGGS
GGVAGPGGGGAGSAALCLRLGREQRRYSLWDCLWILAAVAVYFADVGTDVWLAVDYYLRGQRWWFGLTLFFVVLGSLSVQ
VFSFRWFVHDFSTEDSATAAAASSCPQPGADCKTVVGGGSAAGEGEARPSTPQRQASNASKSNIAAANSGSNSSGATRAS
GKHRSASCSFCIWLLQSLIHILQLGQIWRYFHTIYLGIRSRQSGENDRWRFYWKMVYEYADVSMLHLLATFLESAPQLVL
QLCIIVQTHSLQALQGFTAAASLVSLAWALASYQKALRDSRDDKKPISYMAVIIQFCWHFFTIAARVITFALFASVFQLY
FGIFIVLHWCIMTFWIVHCETEFCITKWEEIVFDMVVGIIYIFSWFNVKEGRTRCRLFIYYFVILLENTALSALWYLYKA
PQIADAFAIPALCVVFSSFLTGVVFMLMYYAFFHPNGPRFGQSPSCACEDPAAAFTLPPDVATSTLRSISNNRSVVSDRD
QKFAERDGCVPVFQVRPTAPSTPSSRPPRIEESVIKIDLFRNRYPAWERHVLDRSLRKAILAFECSPSPPRLQYKDDALI
QERLEYETTL
;
_entity_poly.pdbx_strand_id   B
#
# COMPACT_ATOMS: atom_id res chain seq x y z
N ARG A 106 10.46 23.95 11.15
CA ARG A 106 10.00 24.52 9.89
C ARG A 106 10.84 24.01 8.73
N TYR A 107 12.14 23.88 8.96
CA TYR A 107 13.08 23.45 7.94
C TYR A 107 14.23 22.73 8.62
N SER A 108 15.34 22.57 7.91
CA SER A 108 16.55 21.93 8.44
C SER A 108 16.25 20.52 8.95
N LEU A 109 15.83 19.68 8.00
CA LEU A 109 15.47 18.31 8.31
C LEU A 109 16.64 17.57 8.95
N TRP A 110 16.35 16.81 10.00
CA TRP A 110 17.35 16.06 10.74
C TRP A 110 17.09 14.56 10.77
N ASP A 111 15.81 14.15 10.70
CA ASP A 111 15.44 12.74 10.76
C ASP A 111 15.42 12.10 9.38
N CYS A 112 16.53 12.19 8.64
CA CYS A 112 16.61 11.56 7.33
C CYS A 112 16.65 10.04 7.44
N LEU A 113 16.85 9.50 8.64
CA LEU A 113 16.89 8.05 8.82
C LEU A 113 15.55 7.42 8.48
N TRP A 114 14.44 8.11 8.78
CA TRP A 114 13.13 7.55 8.46
C TRP A 114 12.87 7.58 6.96
N ILE A 115 13.40 8.59 6.25
CA ILE A 115 13.33 8.58 4.79
C ILE A 115 14.19 7.48 4.21
N LEU A 116 15.35 7.22 4.81
CA LEU A 116 16.16 6.08 4.39
C LEU A 116 15.47 4.75 4.65
N ALA A 117 14.72 4.65 5.76
CA ALA A 117 13.93 3.46 6.03
C ALA A 117 12.85 3.22 4.99
N ALA A 118 12.33 4.27 4.36
CA ALA A 118 11.42 4.08 3.24
C ALA A 118 12.11 3.37 2.09
N VAL A 119 13.37 3.74 1.83
CA VAL A 119 14.14 3.06 0.80
C VAL A 119 14.32 1.59 1.14
N ALA A 120 14.62 1.31 2.41
CA ALA A 120 14.78 -0.07 2.85
C ALA A 120 13.49 -0.85 2.68
N VAL A 121 12.35 -0.24 3.05
CA VAL A 121 11.06 -0.92 2.93
C VAL A 121 10.73 -1.22 1.48
N TYR A 122 10.91 -0.22 0.60
CA TYR A 122 10.61 -0.42 -0.82
C TYR A 122 11.52 -1.48 -1.42
N PHE A 123 12.82 -1.42 -1.12
CA PHE A 123 13.74 -2.39 -1.69
C PHE A 123 13.47 -3.78 -1.12
N ALA A 124 13.12 -3.88 0.15
CA ALA A 124 12.77 -5.17 0.73
C ALA A 124 11.53 -5.74 0.04
N ASP A 125 10.52 -4.89 -0.21
CA ASP A 125 9.32 -5.36 -0.89
C ASP A 125 9.66 -5.90 -2.27
N VAL A 126 10.37 -5.12 -3.08
CA VAL A 126 10.63 -5.56 -4.45
C VAL A 126 11.59 -6.76 -4.46
N GLY A 127 12.57 -6.78 -3.55
CA GLY A 127 13.50 -7.89 -3.50
C GLY A 127 12.84 -9.18 -3.07
N THR A 128 11.97 -9.13 -2.06
CA THR A 128 11.25 -10.32 -1.65
C THR A 128 10.30 -10.78 -2.75
N ASP A 129 9.67 -9.84 -3.46
CA ASP A 129 8.76 -10.22 -4.53
C ASP A 129 9.52 -10.90 -5.68
N VAL A 130 10.71 -10.40 -6.02
CA VAL A 130 11.49 -11.03 -7.09
C VAL A 130 12.21 -12.28 -6.59
N TRP A 131 12.35 -12.45 -5.27
CA TRP A 131 12.89 -13.67 -4.70
C TRP A 131 11.95 -14.85 -4.86
N LEU A 132 10.72 -14.59 -5.31
CA LEU A 132 9.77 -15.65 -5.64
C LEU A 132 10.08 -16.29 -6.98
N ALA A 133 11.30 -16.11 -7.48
CA ALA A 133 11.80 -16.92 -8.59
C ALA A 133 11.93 -18.38 -8.20
N VAL A 134 11.85 -18.70 -6.90
CA VAL A 134 11.78 -20.08 -6.46
C VAL A 134 10.57 -20.77 -7.07
N ASP A 135 9.47 -20.04 -7.26
CA ASP A 135 8.29 -20.59 -7.90
C ASP A 135 8.53 -20.97 -9.36
N TYR A 136 9.72 -20.73 -9.90
CA TYR A 136 10.06 -21.11 -11.27
C TYR A 136 11.40 -21.83 -11.39
N TYR A 137 12.25 -21.80 -10.38
CA TYR A 137 13.59 -22.38 -10.47
C TYR A 137 13.75 -23.62 -9.61
N LEU A 138 13.52 -23.51 -8.30
CA LEU A 138 13.66 -24.64 -7.40
C LEU A 138 12.32 -25.32 -7.12
N ARG A 139 11.23 -24.56 -7.13
CA ARG A 139 9.88 -25.06 -6.90
C ARG A 139 8.99 -24.67 -8.07
N GLY A 140 9.47 -24.97 -9.28
CA GLY A 140 8.84 -24.53 -10.51
C GLY A 140 7.33 -24.70 -10.59
N GLN A 141 6.62 -23.58 -10.60
CA GLN A 141 5.17 -23.56 -10.73
C GLN A 141 4.83 -22.51 -11.78
N ARG A 142 4.26 -22.95 -12.91
CA ARG A 142 4.03 -22.04 -14.02
C ARG A 142 3.07 -20.92 -13.62
N TRP A 143 1.93 -21.27 -13.02
CA TRP A 143 0.92 -20.28 -12.71
C TRP A 143 1.40 -19.30 -11.65
N TRP A 144 1.97 -19.81 -10.57
CA TRP A 144 2.41 -18.93 -9.48
C TRP A 144 3.54 -18.02 -9.94
N PHE A 145 4.51 -18.57 -10.67
CA PHE A 145 5.60 -17.75 -11.19
C PHE A 145 5.08 -16.70 -12.15
N GLY A 146 4.14 -17.08 -13.03
CA GLY A 146 3.59 -16.12 -13.96
C GLY A 146 2.87 -14.98 -13.26
N LEU A 147 2.03 -15.32 -12.28
CA LEU A 147 1.29 -14.28 -11.55
C LEU A 147 2.24 -13.35 -10.81
N THR A 148 3.20 -13.91 -10.08
CA THR A 148 4.13 -13.07 -9.32
C THR A 148 4.96 -12.19 -10.23
N LEU A 149 5.47 -12.76 -11.34
CA LEU A 149 6.27 -11.98 -12.27
C LEU A 149 5.45 -10.88 -12.90
N PHE A 150 4.20 -11.17 -13.26
CA PHE A 150 3.34 -10.14 -13.85
C PHE A 150 3.12 -8.99 -12.88
N PHE A 151 2.82 -9.32 -11.62
CA PHE A 151 2.59 -8.27 -10.64
C PHE A 151 3.85 -7.43 -10.41
N VAL A 152 5.00 -8.10 -10.30
CA VAL A 152 6.25 -7.36 -10.07
C VAL A 152 6.58 -6.48 -11.26
N VAL A 153 6.42 -7.01 -12.47
CA VAL A 153 6.74 -6.24 -13.67
C VAL A 153 5.83 -5.03 -13.79
N LEU A 154 4.53 -5.22 -13.57
CA LEU A 154 3.61 -4.09 -13.63
C LEU A 154 3.97 -3.03 -12.59
N GLY A 155 4.22 -3.46 -11.35
CA GLY A 155 4.52 -2.52 -10.30
C GLY A 155 5.83 -1.77 -10.50
N SER A 156 6.83 -2.44 -11.08
CA SER A 156 8.14 -1.82 -11.28
C SER A 156 8.27 -1.14 -12.63
N LEU A 157 7.31 -1.29 -13.52
CA LEU A 157 7.32 -0.57 -14.79
C LEU A 157 6.39 0.63 -14.82
N SER A 158 5.23 0.55 -14.17
CA SER A 158 4.35 1.71 -14.13
C SER A 158 5.01 2.87 -13.39
N VAL A 159 5.65 2.57 -12.25
CA VAL A 159 6.32 3.63 -11.50
C VAL A 159 7.48 4.22 -12.31
N GLN A 160 8.22 3.36 -13.03
CA GLN A 160 9.32 3.85 -13.85
C GLN A 160 8.82 4.74 -14.99
N VAL A 161 7.75 4.33 -15.65
CA VAL A 161 7.20 5.14 -16.74
C VAL A 161 6.69 6.47 -16.21
N PHE A 162 6.00 6.46 -15.07
CA PHE A 162 5.48 7.70 -14.51
C PHE A 162 6.60 8.60 -14.02
N SER A 163 7.70 8.02 -13.54
CA SER A 163 8.84 8.84 -13.12
C SER A 163 9.55 9.44 -14.32
N PHE A 164 9.69 8.68 -15.41
CA PHE A 164 10.29 9.21 -16.62
C PHE A 164 9.43 10.30 -17.23
N ARG A 165 8.10 10.11 -17.23
CA ARG A 165 7.19 11.13 -17.72
C ARG A 165 7.31 12.42 -16.93
N TRP A 166 7.87 12.32 -15.72
CA TRP A 166 8.22 13.56 -15.00
C TRP A 166 9.70 13.48 -14.65
N SER A 249 24.53 19.63 -17.76
CA SER A 249 23.27 18.95 -18.04
C SER A 249 23.18 18.58 -19.52
N PHE A 250 24.25 18.01 -20.04
CA PHE A 250 24.33 17.63 -21.45
C PHE A 250 23.68 16.26 -21.65
N CYS A 251 23.87 15.69 -22.84
CA CYS A 251 23.23 14.42 -23.16
C CYS A 251 23.75 13.28 -22.29
N ILE A 252 24.96 13.42 -21.75
CA ILE A 252 25.49 12.38 -20.86
C ILE A 252 24.64 12.27 -19.61
N TRP A 253 24.26 13.42 -19.03
CA TRP A 253 23.39 13.40 -17.85
C TRP A 253 22.03 12.81 -18.18
N LEU A 254 21.49 13.12 -19.37
CA LEU A 254 20.22 12.55 -19.79
C LEU A 254 20.31 11.03 -19.88
N LEU A 255 21.38 10.52 -20.50
CA LEU A 255 21.55 9.07 -20.61
C LEU A 255 21.73 8.42 -19.25
N GLN A 256 22.52 9.05 -18.37
CA GLN A 256 22.73 8.50 -17.03
C GLN A 256 21.41 8.44 -16.26
N SER A 257 20.62 9.51 -16.31
CA SER A 257 19.34 9.51 -15.61
C SER A 257 18.38 8.53 -16.24
N LEU A 258 18.46 8.34 -17.56
CA LEU A 258 17.58 7.36 -18.22
C LEU A 258 17.90 5.94 -17.76
N ILE A 259 19.19 5.60 -17.71
CA ILE A 259 19.59 4.27 -17.25
C ILE A 259 19.23 4.09 -15.78
N HIS A 260 19.48 5.12 -14.96
CA HIS A 260 19.15 5.03 -13.54
C HIS A 260 17.66 4.85 -13.33
N ILE A 261 16.84 5.57 -14.10
CA ILE A 261 15.40 5.36 -14.06
C ILE A 261 15.09 3.92 -14.40
N LEU A 262 15.48 3.48 -15.60
CA LEU A 262 15.14 2.16 -16.09
C LEU A 262 15.51 1.06 -15.10
N GLN A 263 16.61 1.23 -14.36
CA GLN A 263 16.94 0.23 -13.36
C GLN A 263 16.18 0.44 -12.05
N LEU A 264 16.44 1.55 -11.35
CA LEU A 264 15.98 1.76 -9.99
C LEU A 264 15.47 3.19 -9.81
N GLY A 265 14.52 3.61 -10.66
CA GLY A 265 14.09 5.00 -10.62
C GLY A 265 13.55 5.44 -9.28
N GLN A 266 12.78 4.58 -8.61
CA GLN A 266 12.19 4.96 -7.33
C GLN A 266 13.27 5.18 -6.27
N ILE A 267 14.27 4.28 -6.22
CA ILE A 267 15.36 4.46 -5.28
C ILE A 267 16.18 5.69 -5.64
N TRP A 268 16.28 6.00 -6.94
CA TRP A 268 16.94 7.23 -7.34
C TRP A 268 16.19 8.45 -6.81
N ARG A 269 14.86 8.41 -6.87
CA ARG A 269 14.07 9.50 -6.31
C ARG A 269 14.30 9.63 -4.82
N TYR A 270 14.38 8.50 -4.11
CA TYR A 270 14.61 8.54 -2.67
C TYR A 270 15.96 9.16 -2.34
N PHE A 271 17.02 8.72 -3.03
CA PHE A 271 18.34 9.27 -2.75
C PHE A 271 18.45 10.72 -3.22
N HIS A 272 17.72 11.10 -4.26
CA HIS A 272 17.65 12.49 -4.67
C HIS A 272 16.99 13.34 -3.60
N THR A 273 15.93 12.82 -2.97
CA THR A 273 15.32 13.51 -1.86
C THR A 273 16.31 13.70 -0.72
N ILE A 274 17.07 12.64 -0.42
CA ILE A 274 18.09 12.74 0.63
C ILE A 274 19.12 13.81 0.28
N TYR A 275 19.58 13.82 -0.97
CA TYR A 275 20.58 14.80 -1.39
C TYR A 275 20.03 16.22 -1.31
N LEU A 276 18.78 16.42 -1.73
CA LEU A 276 18.19 17.75 -1.66
C LEU A 276 18.07 18.22 -0.22
N GLY A 277 17.66 17.33 0.68
CA GLY A 277 17.61 17.69 2.09
C GLY A 277 18.97 18.05 2.64
N ILE A 278 19.99 17.25 2.29
CA ILE A 278 21.35 17.53 2.76
C ILE A 278 21.83 18.87 2.24
N ARG A 279 21.61 19.15 0.95
CA ARG A 279 22.07 20.41 0.37
C ARG A 279 21.36 21.59 0.99
N SER A 280 20.06 21.45 1.26
CA SER A 280 19.34 22.53 1.94
C SER A 280 19.89 22.75 3.34
N ARG A 281 20.21 21.67 4.06
CA ARG A 281 20.74 21.80 5.41
C ARG A 281 22.11 22.48 5.39
N GLN A 282 22.96 22.14 4.42
CA GLN A 282 24.30 22.72 4.36
C GLN A 282 24.26 24.22 4.11
N SER A 283 23.56 24.64 3.05
CA SER A 283 23.57 26.02 2.60
C SER A 283 22.42 26.20 1.62
N GLY A 284 22.44 27.33 0.91
CA GLY A 284 21.43 27.58 -0.10
C GLY A 284 20.39 28.60 0.33
N GLU A 285 20.83 29.66 1.00
CA GLU A 285 19.91 30.68 1.49
C GLU A 285 19.45 31.57 0.34
N ASN A 286 18.91 30.96 -0.71
CA ASN A 286 18.35 31.66 -1.85
C ASN A 286 16.86 31.91 -1.61
N ASP A 287 16.14 32.29 -2.66
CA ASP A 287 14.70 32.46 -2.53
C ASP A 287 14.02 31.12 -2.23
N ARG A 288 12.80 31.20 -1.72
CA ARG A 288 12.02 30.01 -1.40
C ARG A 288 11.66 29.18 -2.62
N TRP A 289 12.11 29.58 -3.81
CA TRP A 289 11.81 28.86 -5.04
C TRP A 289 12.35 27.42 -4.97
N ARG A 290 13.59 27.26 -4.53
CA ARG A 290 14.25 25.96 -4.53
C ARG A 290 15.01 25.68 -3.25
N PHE A 291 14.71 26.38 -2.15
CA PHE A 291 15.49 26.22 -0.92
C PHE A 291 15.41 24.79 -0.43
N TYR A 292 14.22 24.36 0.00
CA TYR A 292 13.97 22.95 0.21
C TYR A 292 12.58 22.54 -0.24
N TRP A 293 11.79 23.46 -0.82
CA TRP A 293 10.55 23.05 -1.45
C TRP A 293 10.80 22.12 -2.62
N LYS A 294 12.00 22.16 -3.21
CA LYS A 294 12.37 21.13 -4.17
C LYS A 294 12.40 19.77 -3.51
N MET A 295 12.92 19.70 -2.29
CA MET A 295 12.93 18.44 -1.54
C MET A 295 11.52 17.99 -1.21
N VAL A 296 10.63 18.92 -0.86
CA VAL A 296 9.25 18.56 -0.52
C VAL A 296 8.50 18.12 -1.77
N TYR A 297 8.73 18.79 -2.89
CA TYR A 297 8.14 18.37 -4.16
C TYR A 297 8.62 16.97 -4.54
N GLU A 298 9.91 16.71 -4.37
CA GLU A 298 10.45 15.40 -4.69
C GLU A 298 9.90 14.33 -3.76
N TYR A 299 9.74 14.65 -2.48
CA TYR A 299 9.16 13.71 -1.54
C TYR A 299 7.70 13.41 -1.88
N ALA A 300 6.95 14.44 -2.26
CA ALA A 300 5.56 14.22 -2.68
C ALA A 300 5.50 13.34 -3.91
N ASP A 301 6.36 13.60 -4.90
CA ASP A 301 6.37 12.78 -6.10
C ASP A 301 6.76 11.33 -5.79
N VAL A 302 7.75 11.13 -4.94
CA VAL A 302 8.20 9.77 -4.64
C VAL A 302 7.16 9.04 -3.79
N SER A 303 6.45 9.73 -2.91
CA SER A 303 5.39 9.09 -2.14
C SER A 303 4.21 8.73 -3.03
N MET A 304 3.89 9.60 -3.98
CA MET A 304 2.84 9.28 -4.95
C MET A 304 3.22 8.07 -5.80
N LEU A 305 4.47 8.01 -6.26
CA LEU A 305 4.93 6.85 -7.02
C LEU A 305 4.93 5.60 -6.16
N HIS A 306 5.32 5.73 -4.89
CA HIS A 306 5.28 4.58 -3.98
C HIS A 306 3.87 4.08 -3.78
N LEU A 307 2.91 4.99 -3.62
CA LEU A 307 1.51 4.57 -3.49
C LEU A 307 1.01 3.88 -4.76
N LEU A 308 1.37 4.42 -5.93
CA LEU A 308 0.97 3.79 -7.18
C LEU A 308 1.56 2.38 -7.30
N ALA A 309 2.84 2.23 -6.98
CA ALA A 309 3.47 0.91 -7.06
C ALA A 309 2.90 -0.04 -6.02
N THR A 310 2.52 0.48 -4.85
CA THR A 310 2.00 -0.37 -3.80
C THR A 310 0.58 -0.83 -4.10
N PHE A 311 -0.19 -0.06 -4.84
CA PHE A 311 -1.52 -0.49 -5.22
C PHE A 311 -1.56 -1.16 -6.58
N LEU A 312 -0.47 -1.16 -7.33
CA LEU A 312 -0.37 -1.95 -8.55
C LEU A 312 0.42 -3.23 -8.36
N GLU A 313 1.34 -3.28 -7.39
CA GLU A 313 2.12 -4.48 -7.13
C GLU A 313 1.88 -5.04 -5.74
N SER A 314 2.00 -4.23 -4.69
CA SER A 314 2.03 -4.77 -3.33
C SER A 314 0.70 -5.39 -2.95
N ALA A 315 -0.42 -4.71 -3.22
CA ALA A 315 -1.71 -5.28 -2.85
C ALA A 315 -2.04 -6.55 -3.63
N PRO A 316 -1.94 -6.58 -4.98
CA PRO A 316 -2.16 -7.86 -5.67
C PRO A 316 -1.19 -8.94 -5.26
N GLN A 317 0.08 -8.60 -5.02
CA GLN A 317 1.05 -9.59 -4.57
C GLN A 317 0.64 -10.18 -3.22
N LEU A 318 0.24 -9.32 -2.28
CA LEU A 318 -0.16 -9.78 -0.96
C LEU A 318 -1.38 -10.69 -1.04
N VAL A 319 -2.40 -10.27 -1.79
CA VAL A 319 -3.62 -11.08 -1.88
C VAL A 319 -3.33 -12.40 -2.59
N LEU A 320 -2.53 -12.37 -3.66
CA LEU A 320 -2.21 -13.58 -4.39
C LEU A 320 -1.40 -14.54 -3.54
N GLN A 321 -0.44 -14.04 -2.77
CA GLN A 321 0.35 -14.91 -1.90
C GLN A 321 -0.51 -15.52 -0.81
N LEU A 322 -1.41 -14.74 -0.22
CA LEU A 322 -2.30 -15.30 0.79
C LEU A 322 -3.21 -16.37 0.19
N CYS A 323 -3.73 -16.12 -1.02
CA CYS A 323 -4.57 -17.11 -1.68
C CYS A 323 -3.80 -18.38 -1.99
N ILE A 324 -2.53 -18.26 -2.36
CA ILE A 324 -1.71 -19.44 -2.63
C ILE A 324 -1.42 -20.19 -1.33
N ILE A 325 -1.16 -19.46 -0.25
CA ILE A 325 -0.89 -20.11 1.04
C ILE A 325 -2.10 -20.91 1.49
N VAL A 326 -3.30 -20.32 1.39
CA VAL A 326 -4.48 -21.02 1.86
C VAL A 326 -4.96 -22.08 0.86
N GLN A 327 -4.67 -21.91 -0.43
CA GLN A 327 -5.09 -22.88 -1.43
C GLN A 327 -4.30 -24.18 -1.29
N THR A 328 -2.97 -24.06 -1.18
CA THR A 328 -2.10 -25.20 -0.86
C THR A 328 -1.41 -24.86 0.45
N HIS A 329 -1.78 -25.55 1.51
CA HIS A 329 -1.34 -25.18 2.86
C HIS A 329 0.14 -25.53 3.01
N SER A 330 0.98 -24.67 2.45
CA SER A 330 2.44 -24.76 2.57
C SER A 330 2.97 -23.34 2.76
N LEU A 331 3.08 -22.92 4.02
CA LEU A 331 3.52 -21.57 4.34
C LEU A 331 5.04 -21.58 4.58
N GLN A 332 5.78 -21.58 3.49
CA GLN A 332 7.23 -21.46 3.58
C GLN A 332 7.61 -20.09 4.10
N ALA A 333 8.75 -20.03 4.80
CA ALA A 333 9.18 -18.77 5.39
C ALA A 333 9.36 -17.69 4.33
N LEU A 334 9.75 -18.08 3.11
CA LEU A 334 9.86 -17.12 2.03
C LEU A 334 8.51 -16.51 1.67
N GLN A 335 7.48 -17.36 1.55
CA GLN A 335 6.15 -16.85 1.21
C GLN A 335 5.63 -15.93 2.31
N GLY A 336 5.80 -16.31 3.57
CA GLY A 336 5.36 -15.47 4.67
C GLY A 336 6.10 -14.16 4.72
N PHE A 337 7.42 -14.18 4.53
CA PHE A 337 8.19 -12.95 4.52
C PHE A 337 7.84 -12.06 3.34
N THR A 338 7.56 -12.65 2.17
CA THR A 338 7.14 -11.86 1.02
C THR A 338 5.78 -11.21 1.26
N ALA A 339 4.83 -11.95 1.83
CA ALA A 339 3.54 -11.38 2.15
C ALA A 339 3.67 -10.26 3.18
N ALA A 340 4.51 -10.47 4.20
CA ALA A 340 4.73 -9.43 5.20
C ALA A 340 5.39 -8.21 4.58
N ALA A 341 6.33 -8.42 3.65
CA ALA A 341 6.98 -7.30 2.98
C ALA A 341 5.99 -6.51 2.14
N SER A 342 5.12 -7.20 1.41
CA SER A 342 4.10 -6.51 0.63
C SER A 342 3.15 -5.74 1.54
N LEU A 343 2.76 -6.33 2.67
CA LEU A 343 1.85 -5.67 3.59
C LEU A 343 2.49 -4.42 4.21
N VAL A 344 3.75 -4.54 4.63
CA VAL A 344 4.42 -3.39 5.23
C VAL A 344 4.65 -2.32 4.17
N SER A 345 4.93 -2.72 2.93
CA SER A 345 5.06 -1.74 1.85
C SER A 345 3.74 -1.00 1.64
N LEU A 346 2.62 -1.73 1.62
CA LEU A 346 1.32 -1.10 1.43
C LEU A 346 0.99 -0.12 2.54
N ALA A 347 1.12 -0.56 3.79
CA ALA A 347 0.79 0.31 4.92
C ALA A 347 1.74 1.50 5.00
N TRP A 348 3.03 1.27 4.75
CA TRP A 348 4.00 2.36 4.73
C TRP A 348 3.69 3.35 3.63
N ALA A 349 3.26 2.87 2.46
CA ALA A 349 2.89 3.76 1.37
C ALA A 349 1.71 4.63 1.76
N LEU A 350 0.71 4.04 2.41
CA LEU A 350 -0.45 4.83 2.86
C LEU A 350 -0.03 5.90 3.86
N ALA A 351 0.75 5.50 4.87
CA ALA A 351 1.18 6.48 5.88
C ALA A 351 2.04 7.57 5.28
N SER A 352 2.97 7.21 4.39
CA SER A 352 3.86 8.19 3.77
C SER A 352 3.09 9.12 2.85
N TYR A 353 2.11 8.61 2.11
CA TYR A 353 1.31 9.47 1.26
C TYR A 353 0.52 10.46 2.10
N GLN A 354 -0.05 10.01 3.22
CA GLN A 354 -0.75 10.95 4.08
C GLN A 354 0.19 12.00 4.64
N LYS A 355 1.41 11.60 5.00
CA LYS A 355 2.39 12.57 5.48
C LYS A 355 2.73 13.59 4.40
N ALA A 356 2.96 13.13 3.17
CA ALA A 356 3.29 14.04 2.08
C ALA A 356 2.14 14.97 1.76
N LEU A 357 0.91 14.46 1.79
CA LEU A 357 -0.26 15.30 1.53
C LEU A 357 -0.42 16.36 2.62
N ARG A 358 -0.18 15.99 3.87
CA ARG A 358 -0.20 16.97 4.95
C ARG A 358 1.03 17.88 4.93
N ASP A 359 2.05 17.55 4.15
CA ASP A 359 3.29 18.31 4.11
C ASP A 359 3.42 19.18 2.87
N SER A 360 3.06 18.66 1.70
CA SER A 360 3.31 19.35 0.44
C SER A 360 2.12 20.23 0.03
N ARG A 361 1.68 21.07 0.98
CA ARG A 361 0.67 22.07 0.70
C ARG A 361 0.54 22.99 1.91
N ASP A 362 0.16 24.24 1.66
CA ASP A 362 0.00 25.21 2.74
C ASP A 362 -1.21 24.85 3.60
N ASP A 363 -1.19 25.34 4.83
CA ASP A 363 -2.14 24.93 5.88
C ASP A 363 -1.97 23.42 6.09
N LYS A 364 -2.99 22.76 6.60
CA LYS A 364 -2.97 21.31 6.81
C LYS A 364 -1.74 20.91 7.64
N LYS A 365 -1.82 21.22 8.94
CA LYS A 365 -0.74 21.09 9.91
C LYS A 365 0.04 19.79 9.71
N PRO A 366 1.37 19.87 9.60
CA PRO A 366 2.15 18.67 9.27
C PRO A 366 2.03 17.59 10.32
N ILE A 367 2.01 16.35 9.85
CA ILE A 367 1.88 15.18 10.71
C ILE A 367 3.26 14.65 11.06
N SER A 368 3.47 14.36 12.33
CA SER A 368 4.77 13.89 12.80
C SER A 368 4.85 12.38 12.72
N TYR A 369 6.09 11.88 12.81
CA TYR A 369 6.33 10.44 12.67
C TYR A 369 5.62 9.65 13.76
N MET A 370 5.38 10.27 14.93
CA MET A 370 4.68 9.58 16.00
C MET A 370 3.26 9.22 15.59
N ALA A 371 2.63 10.04 14.76
CA ALA A 371 1.31 9.71 14.22
C ALA A 371 1.41 8.88 12.95
N VAL A 372 2.47 9.08 12.17
CA VAL A 372 2.64 8.30 10.94
C VAL A 372 2.79 6.82 11.27
N ILE A 373 3.53 6.50 12.33
CA ILE A 373 3.72 5.09 12.69
C ILE A 373 2.40 4.47 13.16
N ILE A 374 1.58 5.23 13.89
CA ILE A 374 0.30 4.70 14.34
C ILE A 374 -0.63 4.48 13.15
N GLN A 375 -0.65 5.42 12.21
CA GLN A 375 -1.46 5.24 11.01
C GLN A 375 -0.98 4.05 10.19
N PHE A 376 0.35 3.88 10.09
CA PHE A 376 0.91 2.72 9.43
C PHE A 376 0.47 1.43 10.11
N CYS A 377 0.46 1.43 11.44
CA CYS A 377 0.07 0.24 12.18
C CYS A 377 -1.39 -0.11 11.94
N TRP A 378 -2.28 0.90 11.96
CA TRP A 378 -3.70 0.58 11.78
C TRP A 378 -3.99 0.17 10.35
N HIS A 379 -3.36 0.82 9.37
CA HIS A 379 -3.46 0.34 8.00
C HIS A 379 -2.95 -1.09 7.87
N PHE A 380 -1.81 -1.38 8.50
CA PHE A 380 -1.22 -2.71 8.42
C PHE A 380 -2.18 -3.77 8.96
N PHE A 381 -2.74 -3.54 10.14
CA PHE A 381 -3.61 -4.54 10.76
C PHE A 381 -4.91 -4.69 9.99
N THR A 382 -5.54 -3.57 9.61
CA THR A 382 -6.81 -3.65 8.90
C THR A 382 -6.65 -4.33 7.55
N ILE A 383 -5.60 -3.97 6.80
CA ILE A 383 -5.37 -4.61 5.51
C ILE A 383 -4.99 -6.07 5.69
N ALA A 384 -4.27 -6.41 6.77
CA ALA A 384 -3.97 -7.81 7.05
C ALA A 384 -5.24 -8.62 7.21
N ALA A 385 -6.15 -8.13 8.05
CA ALA A 385 -7.42 -8.83 8.24
C ALA A 385 -8.20 -8.91 6.92
N ARG A 386 -8.22 -7.81 6.17
CA ARG A 386 -8.96 -7.78 4.91
C ARG A 386 -8.43 -8.80 3.92
N VAL A 387 -7.10 -8.89 3.78
CA VAL A 387 -6.54 -9.79 2.78
C VAL A 387 -6.60 -11.24 3.24
N ILE A 388 -6.54 -11.49 4.55
CA ILE A 388 -6.73 -12.85 5.03
C ILE A 388 -8.16 -13.31 4.74
N THR A 389 -9.14 -12.45 5.01
CA THR A 389 -10.52 -12.79 4.66
C THR A 389 -10.69 -12.95 3.15
N PHE A 390 -10.02 -12.12 2.37
CA PHE A 390 -10.05 -12.26 0.92
C PHE A 390 -9.52 -13.61 0.47
N ALA A 391 -8.38 -14.03 1.04
CA ALA A 391 -7.81 -15.32 0.67
C ALA A 391 -8.72 -16.47 1.07
N LEU A 392 -9.29 -16.40 2.28
CA LEU A 392 -10.19 -17.46 2.72
C LEU A 392 -11.40 -17.56 1.81
N PHE A 393 -12.03 -16.42 1.49
CA PHE A 393 -13.20 -16.45 0.63
C PHE A 393 -12.83 -16.82 -0.80
N ALA A 394 -11.61 -16.52 -1.24
CA ALA A 394 -11.18 -16.93 -2.56
C ALA A 394 -11.04 -18.44 -2.64
N SER A 395 -10.35 -19.04 -1.66
CA SER A 395 -10.25 -20.49 -1.60
C SER A 395 -11.61 -21.14 -1.47
N VAL A 396 -12.56 -20.47 -0.81
CA VAL A 396 -13.92 -21.00 -0.71
C VAL A 396 -14.60 -20.98 -2.08
N PHE A 397 -14.81 -19.79 -2.64
CA PHE A 397 -15.42 -19.66 -3.96
C PHE A 397 -14.84 -18.41 -4.64
N GLN A 398 -13.75 -18.61 -5.39
CA GLN A 398 -13.16 -17.50 -6.13
C GLN A 398 -14.09 -16.95 -7.20
N LEU A 399 -14.97 -17.79 -7.76
CA LEU A 399 -15.91 -17.30 -8.76
C LEU A 399 -16.82 -16.22 -8.19
N TYR A 400 -17.34 -16.44 -6.98
CA TYR A 400 -18.12 -15.41 -6.30
C TYR A 400 -17.24 -14.30 -5.73
N PHE A 401 -15.98 -14.62 -5.41
CA PHE A 401 -15.08 -13.59 -4.89
C PHE A 401 -14.80 -12.52 -5.93
N GLY A 402 -14.64 -12.91 -7.19
CA GLY A 402 -14.43 -11.92 -8.25
C GLY A 402 -15.61 -10.99 -8.41
N ILE A 403 -16.81 -11.56 -8.40
CA ILE A 403 -18.02 -10.74 -8.46
C ILE A 403 -18.09 -9.82 -7.25
N PHE A 404 -17.73 -10.32 -6.07
CA PHE A 404 -17.72 -9.47 -4.89
C PHE A 404 -16.73 -8.31 -5.05
N ILE A 405 -15.55 -8.58 -5.59
CA ILE A 405 -14.53 -7.54 -5.69
C ILE A 405 -14.96 -6.47 -6.68
N VAL A 406 -15.54 -6.88 -7.82
CA VAL A 406 -15.98 -5.88 -8.79
C VAL A 406 -17.18 -5.10 -8.25
N LEU A 407 -18.06 -5.78 -7.50
CA LEU A 407 -19.21 -5.10 -6.90
C LEU A 407 -18.76 -4.09 -5.84
N HIS A 408 -17.77 -4.46 -5.02
CA HIS A 408 -17.27 -3.53 -4.02
C HIS A 408 -16.61 -2.33 -4.67
N TRP A 409 -15.82 -2.57 -5.74
CA TRP A 409 -15.24 -1.44 -6.46
C TRP A 409 -16.31 -0.53 -7.05
N CYS A 410 -17.34 -1.12 -7.65
CA CYS A 410 -18.42 -0.32 -8.23
C CYS A 410 -19.15 0.48 -7.16
N ILE A 411 -19.45 -0.15 -6.02
CA ILE A 411 -20.18 0.54 -4.96
C ILE A 411 -19.33 1.68 -4.40
N MET A 412 -18.03 1.45 -4.18
CA MET A 412 -17.19 2.51 -3.66
C MET A 412 -17.03 3.64 -4.66
N THR A 413 -16.90 3.31 -5.96
CA THR A 413 -16.82 4.35 -6.98
C THR A 413 -18.09 5.19 -7.00
N PHE A 414 -19.25 4.54 -6.93
CA PHE A 414 -20.52 5.26 -6.95
C PHE A 414 -20.66 6.11 -5.70
N TRP A 415 -20.24 5.60 -4.54
CA TRP A 415 -20.30 6.39 -3.32
C TRP A 415 -19.40 7.61 -3.40
N ILE A 416 -18.20 7.45 -3.95
CA ILE A 416 -17.28 8.58 -4.05
C ILE A 416 -17.82 9.62 -5.01
N VAL A 417 -18.28 9.21 -6.19
CA VAL A 417 -18.81 10.17 -7.15
C VAL A 417 -20.09 10.81 -6.62
N HIS A 418 -20.80 10.13 -5.73
CA HIS A 418 -21.91 10.77 -5.03
C HIS A 418 -21.41 11.90 -4.15
N CYS A 419 -20.29 11.71 -3.48
CA CYS A 419 -19.71 12.75 -2.65
C CYS A 419 -18.96 13.76 -3.49
N THR A 426 -10.52 19.58 -15.69
CA THR A 426 -10.92 18.80 -14.52
C THR A 426 -12.36 18.35 -14.64
N LYS A 427 -12.72 17.78 -15.78
CA LYS A 427 -14.08 17.29 -16.02
C LYS A 427 -14.17 15.77 -15.86
N TRP A 428 -13.40 15.03 -16.65
CA TRP A 428 -13.33 13.58 -16.46
C TRP A 428 -12.18 13.18 -15.55
N GLU A 429 -11.24 14.08 -15.29
CA GLU A 429 -10.16 13.77 -14.37
C GLU A 429 -10.69 13.55 -12.96
N GLU A 430 -11.74 14.26 -12.56
CA GLU A 430 -12.38 13.99 -11.29
C GLU A 430 -12.95 12.58 -11.25
N ILE A 431 -13.58 12.15 -12.34
CA ILE A 431 -14.14 10.80 -12.39
C ILE A 431 -13.03 9.75 -12.31
N VAL A 432 -11.93 9.98 -13.02
CA VAL A 432 -10.81 9.03 -12.97
C VAL A 432 -10.22 8.97 -11.56
N PHE A 433 -10.07 10.14 -10.92
CA PHE A 433 -9.56 10.15 -9.55
C PHE A 433 -10.52 9.44 -8.60
N ASP A 434 -11.83 9.60 -8.80
CA ASP A 434 -12.80 8.90 -7.97
C ASP A 434 -12.72 7.39 -8.17
N MET A 435 -12.52 6.96 -9.42
CA MET A 435 -12.35 5.52 -9.66
C MET A 435 -11.09 4.99 -9.01
N VAL A 436 -10.01 5.78 -9.05
CA VAL A 436 -8.77 5.36 -8.39
C VAL A 436 -8.96 5.25 -6.89
N VAL A 437 -9.65 6.23 -6.29
CA VAL A 437 -9.93 6.16 -4.86
C VAL A 437 -10.85 4.98 -4.55
N GLY A 438 -11.74 4.64 -5.49
CA GLY A 438 -12.55 3.45 -5.31
C GLY A 438 -11.73 2.18 -5.31
N ILE A 439 -10.71 2.12 -6.18
CA ILE A 439 -9.78 0.98 -6.16
C ILE A 439 -9.03 0.93 -4.84
N ILE A 440 -8.62 2.10 -4.34
CA ILE A 440 -7.95 2.17 -3.05
C ILE A 440 -8.88 1.68 -1.93
N TYR A 441 -10.16 2.00 -2.03
CA TYR A 441 -11.15 1.65 -1.01
C TYR A 441 -11.36 0.15 -0.86
N ILE A 442 -10.92 -0.65 -1.82
CA ILE A 442 -11.04 -2.10 -1.68
C ILE A 442 -10.28 -2.59 -0.46
N PHE A 443 -9.07 -2.09 -0.26
CA PHE A 443 -8.20 -2.55 0.82
C PHE A 443 -8.26 -1.64 2.04
N SER A 444 -7.96 -0.35 1.85
CA SER A 444 -7.89 0.56 2.97
C SER A 444 -8.71 1.83 2.73
N TRP A 445 -8.61 2.78 3.64
CA TRP A 445 -9.44 3.98 3.64
C TRP A 445 -8.58 5.18 3.28
N PHE A 446 -8.92 5.84 2.18
CA PHE A 446 -8.06 6.88 1.61
C PHE A 446 -7.95 8.11 2.50
N ASN A 447 -8.84 8.28 3.47
CA ASN A 447 -8.78 9.36 4.45
C ASN A 447 -8.86 10.73 3.77
N VAL A 448 -9.91 10.89 2.96
CA VAL A 448 -10.25 12.22 2.47
C VAL A 448 -10.81 13.04 3.64
N LYS A 449 -10.11 14.11 3.99
CA LYS A 449 -10.50 14.92 5.14
C LYS A 449 -11.87 15.55 4.91
N GLU A 450 -11.95 16.47 3.94
CA GLU A 450 -13.20 17.08 3.51
C GLU A 450 -14.03 17.56 4.69
N GLY A 451 -13.40 18.23 5.64
CA GLY A 451 -14.12 18.63 6.85
C GLY A 451 -14.42 17.43 7.71
N ARG A 452 -15.69 17.28 8.09
CA ARG A 452 -16.10 16.14 8.89
C ARG A 452 -15.98 14.85 8.08
N THR A 453 -15.38 13.83 8.69
CA THR A 453 -15.14 12.55 8.03
C THR A 453 -15.62 11.37 8.87
N ARG A 454 -16.19 11.64 10.05
CA ARG A 454 -16.59 10.56 10.94
C ARG A 454 -17.68 9.69 10.33
N CYS A 455 -18.66 10.32 9.68
CA CYS A 455 -19.77 9.55 9.11
C CYS A 455 -19.29 8.65 7.98
N ARG A 456 -18.48 9.18 7.06
CA ARG A 456 -17.98 8.36 5.96
C ARG A 456 -17.08 7.25 6.47
N LEU A 457 -16.23 7.55 7.46
CA LEU A 457 -15.36 6.54 8.03
C LEU A 457 -16.17 5.42 8.68
N PHE A 458 -17.22 5.80 9.43
CA PHE A 458 -18.06 4.80 10.08
C PHE A 458 -18.79 3.94 9.05
N ILE A 459 -19.30 4.57 7.99
CA ILE A 459 -19.99 3.80 6.95
C ILE A 459 -19.03 2.83 6.26
N TYR A 460 -17.82 3.30 5.94
CA TYR A 460 -16.85 2.43 5.29
C TYR A 460 -16.45 1.28 6.20
N TYR A 461 -16.24 1.56 7.49
CA TYR A 461 -15.89 0.51 8.42
C TYR A 461 -17.01 -0.50 8.57
N PHE A 462 -18.25 -0.03 8.65
CA PHE A 462 -19.38 -0.95 8.73
C PHE A 462 -19.47 -1.82 7.49
N VAL A 463 -19.26 -1.24 6.31
CA VAL A 463 -19.36 -2.01 5.07
C VAL A 463 -18.26 -3.07 5.02
N ILE A 464 -17.03 -2.68 5.35
CA ILE A 464 -15.93 -3.65 5.27
C ILE A 464 -16.08 -4.71 6.34
N LEU A 465 -16.54 -4.34 7.53
CA LEU A 465 -16.76 -5.33 8.58
C LEU A 465 -17.87 -6.30 8.21
N LEU A 466 -18.96 -5.80 7.62
CA LEU A 466 -20.03 -6.67 7.19
C LEU A 466 -19.55 -7.63 6.10
N GLU A 467 -18.78 -7.11 5.14
CA GLU A 467 -18.26 -7.97 4.08
C GLU A 467 -17.30 -9.02 4.64
N ASN A 468 -16.42 -8.62 5.56
CA ASN A 468 -15.49 -9.58 6.14
C ASN A 468 -16.21 -10.63 6.96
N THR A 469 -17.22 -10.23 7.73
CA THR A 469 -17.99 -11.19 8.49
C THR A 469 -18.72 -12.17 7.57
N ALA A 470 -19.28 -11.66 6.48
CA ALA A 470 -19.95 -12.52 5.51
C ALA A 470 -18.97 -13.52 4.90
N LEU A 471 -17.79 -13.04 4.51
CA LEU A 471 -16.79 -13.93 3.91
C LEU A 471 -16.31 -14.97 4.91
N SER A 472 -16.02 -14.56 6.15
CA SER A 472 -15.57 -15.51 7.16
C SER A 472 -16.64 -16.54 7.47
N ALA A 473 -17.89 -16.11 7.63
CA ALA A 473 -18.97 -17.05 7.91
C ALA A 473 -19.18 -18.02 6.76
N LEU A 474 -19.15 -17.52 5.52
CA LEU A 474 -19.35 -18.41 4.39
C LEU A 474 -18.21 -19.40 4.26
N TRP A 475 -16.97 -18.95 4.47
CA TRP A 475 -15.85 -19.88 4.41
C TRP A 475 -15.93 -20.92 5.50
N TYR A 476 -16.27 -20.51 6.73
CA TYR A 476 -16.41 -21.47 7.81
C TYR A 476 -17.52 -22.47 7.52
N LEU A 477 -18.61 -22.02 6.92
CA LEU A 477 -19.68 -22.94 6.55
C LEU A 477 -19.30 -23.81 5.37
N TYR A 478 -18.27 -23.43 4.62
CA TYR A 478 -17.82 -24.17 3.45
C TYR A 478 -16.36 -24.57 3.56
N LYS A 479 -15.93 -25.02 4.73
CA LYS A 479 -14.58 -25.54 4.93
C LYS A 479 -14.58 -26.90 5.63
N ALA A 480 -15.73 -27.36 6.12
CA ALA A 480 -15.79 -28.62 6.84
C ALA A 480 -15.35 -29.82 6.02
N PRO A 481 -15.78 -30.01 4.77
CA PRO A 481 -15.37 -31.20 4.02
C PRO A 481 -13.86 -31.23 3.80
N GLN A 482 -13.38 -32.39 3.36
CA GLN A 482 -11.97 -32.67 3.17
C GLN A 482 -11.21 -32.49 4.49
N ILE A 483 -10.55 -31.34 4.65
CA ILE A 483 -9.82 -31.04 5.87
C ILE A 483 -10.75 -30.31 6.83
N ALA A 484 -11.19 -31.01 7.87
CA ALA A 484 -12.04 -30.44 8.91
C ALA A 484 -11.11 -29.90 9.99
N ASP A 485 -10.75 -28.63 9.87
CA ASP A 485 -9.75 -28.02 10.74
C ASP A 485 -10.42 -27.61 12.06
N ALA A 486 -10.17 -28.39 13.11
CA ALA A 486 -10.57 -27.98 14.44
C ALA A 486 -9.80 -26.75 14.90
N PHE A 487 -8.63 -26.49 14.31
CA PHE A 487 -7.85 -25.30 14.58
C PHE A 487 -8.19 -24.15 13.64
N ALA A 488 -9.27 -24.25 12.87
CA ALA A 488 -9.71 -23.13 12.05
C ALA A 488 -10.39 -22.05 12.88
N ILE A 489 -10.85 -22.38 14.09
CA ILE A 489 -11.38 -21.35 14.98
C ILE A 489 -10.33 -20.30 15.33
N PRO A 490 -9.09 -20.66 15.68
CA PRO A 490 -8.06 -19.62 15.78
C PRO A 490 -7.82 -18.88 14.48
N ALA A 491 -7.95 -19.57 13.34
CA ALA A 491 -7.73 -18.92 12.05
C ALA A 491 -8.74 -17.81 11.78
N LEU A 492 -9.93 -17.87 12.36
CA LEU A 492 -10.93 -16.81 12.24
C LEU A 492 -10.90 -15.84 13.41
N CYS A 493 -10.46 -16.29 14.58
CA CYS A 493 -10.34 -15.37 15.71
C CYS A 493 -9.17 -14.41 15.55
N VAL A 494 -8.07 -14.86 14.93
CA VAL A 494 -6.93 -13.98 14.70
C VAL A 494 -7.30 -12.86 13.74
N VAL A 495 -8.10 -13.16 12.73
CA VAL A 495 -8.52 -12.13 11.77
C VAL A 495 -9.29 -11.03 12.48
N PHE A 496 -10.25 -11.42 13.32
CA PHE A 496 -11.07 -10.42 14.01
C PHE A 496 -10.27 -9.68 15.06
N SER A 497 -9.33 -10.36 15.73
CA SER A 497 -8.47 -9.67 16.68
C SER A 497 -7.59 -8.64 15.98
N SER A 498 -7.04 -8.99 14.81
CA SER A 498 -6.24 -8.04 14.05
C SER A 498 -7.08 -6.87 13.57
N PHE A 499 -8.31 -7.15 13.13
CA PHE A 499 -9.21 -6.07 12.71
C PHE A 499 -9.53 -5.14 13.88
N LEU A 500 -9.79 -5.72 15.06
CA LEU A 500 -10.08 -4.90 16.23
C LEU A 500 -8.88 -4.08 16.64
N THR A 501 -7.67 -4.64 16.56
CA THR A 501 -6.47 -3.88 16.87
C THR A 501 -6.27 -2.75 15.86
N GLY A 502 -6.55 -3.01 14.59
CA GLY A 502 -6.46 -1.95 13.59
C GLY A 502 -7.44 -0.82 13.85
N VAL A 503 -8.67 -1.17 14.19
CA VAL A 503 -9.67 -0.15 14.50
C VAL A 503 -9.27 0.61 15.75
N VAL A 504 -8.72 -0.08 16.75
CA VAL A 504 -8.28 0.57 17.97
C VAL A 504 -7.14 1.54 17.68
N PHE A 505 -6.20 1.14 16.83
CA PHE A 505 -5.10 2.03 16.46
C PHE A 505 -5.61 3.23 15.68
N MET A 506 -6.58 3.02 14.79
CA MET A 506 -7.17 4.14 14.06
C MET A 506 -7.85 5.11 15.01
N LEU A 507 -8.60 4.59 15.98
CA LEU A 507 -9.25 5.45 16.97
C LEU A 507 -8.20 6.19 17.79
N MET A 508 -7.12 5.52 18.17
CA MET A 508 -6.08 6.17 18.96
C MET A 508 -5.44 7.30 18.19
N TYR A 509 -5.10 7.08 16.92
CA TYR A 509 -4.55 8.16 16.11
C TYR A 509 -5.55 9.30 15.94
N TYR A 510 -6.80 8.98 15.65
CA TYR A 510 -7.82 10.00 15.45
C TYR A 510 -8.01 10.85 16.69
N ALA A 511 -7.99 10.23 17.87
CA ALA A 511 -8.18 10.96 19.11
C ALA A 511 -6.93 11.76 19.49
N PHE A 512 -5.75 11.16 19.34
CA PHE A 512 -4.53 11.79 19.85
C PHE A 512 -3.94 12.81 18.90
N PHE A 513 -4.37 12.84 17.64
CA PHE A 513 -3.89 13.88 16.74
C PHE A 513 -4.32 15.28 17.19
N HIS A 514 -5.40 15.38 17.96
CA HIS A 514 -5.89 16.67 18.43
C HIS A 514 -6.00 16.65 19.96
#